data_6FFR
#
_entry.id   6FFR
#
_entity_poly.entity_id   1
_entity_poly.type   'polydeoxyribonucleotide/polyribonucleotide hybrid'
_entity_poly.pdbx_seq_one_letter_code
;G(DG)(DG)(DA)(DT)(DG)(DG)(DG)(DA)(DC)(DA)(DC)(DA)(DG)(DG)(DG)(DG)(DA)(DC)G(DG)
(DG)
;
_entity_poly.pdbx_strand_id   A
#